data_1Z43
#
_entry.id   1Z43
#
_cell.length_a   62.110
_cell.length_b   62.110
_cell.length_c   247.520
_cell.angle_alpha   90.00
_cell.angle_beta   90.00
_cell.angle_gamma   90.00
#
_symmetry.space_group_name_H-M   'P 43 21 2'
#
loop_
_entity.id
_entity.type
_entity.pdbx_description
1 polymer 'RNA (101-MER)'
2 water water
#
_entity_poly.entity_id   1
_entity_poly.type   'polyribonucleotide'
_entity_poly.pdbx_seq_one_letter_code
;GCUCGGCGGUGGGGGAGCAUCUCCUGUAGGGGAGAUGUAACCCCCUUUACCUGCCGAACCCCGCCAGGCCCGGAAGGGAG
CAACGGUAGGCAGGACGUCGG
;
_entity_poly.pdbx_strand_id   A
#
loop_
_chem_comp.id
_chem_comp.type
_chem_comp.name
_chem_comp.formula
A RNA linking ADENOSINE-5'-MONOPHOSPHATE 'C10 H14 N5 O7 P'
C RNA linking CYTIDINE-5'-MONOPHOSPHATE 'C9 H14 N3 O8 P'
G RNA linking GUANOSINE-5'-MONOPHOSPHATE 'C10 H14 N5 O8 P'
U RNA linking URIDINE-5'-MONOPHOSPHATE 'C9 H13 N2 O9 P'
#